data_4WD0
#
_entry.id   4WD0
#
_cell.length_a   93.974
_cell.length_b   93.974
_cell.length_c   45.433
_cell.angle_alpha   90.00
_cell.angle_beta   90.00
_cell.angle_gamma   120.00
#
_symmetry.space_group_name_H-M   'P 6'
#
loop_
_entity.id
_entity.type
_entity.pdbx_description
1 polymer '1-(5-phosphoribosyl)-5-[(5-phosphoribosylamino)methylideneamino] imidazole-4-carboxamide isomerase'
2 non-polymer 'CHLORIDE ION'
3 non-polymer GLYCEROL
4 non-polymer 2-AMINO-2-HYDROXYMETHYL-PROPANE-1,3-DIOL
5 water water
#
_entity_poly.entity_id   1
_entity_poly.type   'polypeptide(L)'
_entity_poly.pdbx_seq_one_letter_code
;SNAMTTSAQSVLELLPAVDIVDGQAVRLLQGEAGSETSYGTPLEAALNWQNDGAEWVHMVDLDAAFGRGNNAALISDVVS
QLNVKVELSGGLRDDESLERALELGVARVNLGTAALENPEWTRKAIDRFGDKIAVGLDVRGTTLAGRGWTKEGGDLWEVL
ARLEDAGCARYVVTDVTKDGTLQGPNVELLRQMVEKTGKPVVASGGISSLEDLRVLRELVPLGVEGAIVGKALYAGAFTL
PEALDVAGRR
;
_entity_poly.pdbx_strand_id   A
#
loop_
_chem_comp.id
_chem_comp.type
_chem_comp.name
_chem_comp.formula
CL non-polymer 'CHLORIDE ION' 'Cl -1'
GOL non-polymer GLYCEROL 'C3 H8 O3'
TRS non-polymer 2-AMINO-2-HYDROXYMETHYL-PROPANE-1,3-DIOL 'C4 H12 N O3 1'
#
# COMPACT_ATOMS: atom_id res chain seq x y z
N GLN A 9 3.63 -20.55 12.65
CA GLN A 9 2.84 -19.93 11.55
C GLN A 9 3.51 -18.66 11.04
N SER A 10 3.73 -18.58 9.73
CA SER A 10 4.41 -17.45 9.14
C SER A 10 3.57 -16.17 9.40
N VAL A 11 4.28 -15.09 9.69
CA VAL A 11 3.67 -13.79 10.03
C VAL A 11 3.12 -13.04 8.80
N LEU A 12 1.93 -12.45 8.97
CA LEU A 12 1.36 -11.53 8.01
C LEU A 12 1.79 -10.11 8.42
N GLU A 13 2.56 -9.43 7.58
CA GLU A 13 3.00 -8.06 7.92
C GLU A 13 1.79 -7.14 7.90
N LEU A 14 1.74 -6.17 8.82
CA LEU A 14 0.70 -5.13 8.78
C LEU A 14 1.33 -3.80 8.41
N LEU A 15 0.60 -3.06 7.58
CA LEU A 15 1.00 -1.74 7.13
C LEU A 15 -0.10 -0.76 7.43
N PRO A 16 -0.17 -0.29 8.70
CA PRO A 16 -1.23 0.64 9.02
C PRO A 16 -1.10 1.94 8.21
N ALA A 17 -2.24 2.50 7.84
CA ALA A 17 -2.30 3.65 6.93
C ALA A 17 -2.01 4.97 7.64
N VAL A 18 -1.32 5.84 6.91
CA VAL A 18 -1.15 7.24 7.26
C VAL A 18 -1.44 8.01 5.95
N ASP A 19 -2.45 8.90 5.97
CA ASP A 19 -2.87 9.66 4.77
C ASP A 19 -2.46 11.12 5.05
N ILE A 20 -1.65 11.67 4.16
CA ILE A 20 -1.27 13.07 4.25
C ILE A 20 -2.21 13.88 3.37
N VAL A 21 -2.96 14.77 4.03
CA VAL A 21 -4.04 15.52 3.43
C VAL A 21 -3.91 16.92 3.96
N ASP A 22 -3.78 17.90 3.05
N ASP A 22 -3.75 17.87 3.04
CA ASP A 22 -3.53 19.29 3.45
CA ASP A 22 -3.52 19.25 3.39
C ASP A 22 -2.35 19.43 4.38
C ASP A 22 -2.38 19.41 4.36
N GLY A 23 -1.31 18.65 4.12
CA GLY A 23 -0.11 18.74 4.91
C GLY A 23 -0.22 18.25 6.36
N GLN A 24 -1.24 17.46 6.68
N GLN A 24 -1.19 17.40 6.65
CA GLN A 24 -1.43 16.90 8.02
CA GLN A 24 -1.47 16.91 7.99
C GLN A 24 -1.98 15.47 7.88
C GLN A 24 -1.98 15.47 7.87
N ALA A 25 -2.13 14.78 9.00
CA ALA A 25 -2.56 13.40 9.00
C ALA A 25 -3.39 13.15 10.25
N VAL A 26 -4.49 12.44 10.06
CA VAL A 26 -5.28 12.00 11.19
C VAL A 26 -4.53 10.88 11.95
N ARG A 27 -4.71 10.87 13.24
CA ARG A 27 -4.07 9.98 14.16
C ARG A 27 -5.25 9.38 14.97
N LEU A 28 -5.20 8.08 15.20
CA LEU A 28 -6.26 7.39 15.93
C LEU A 28 -5.74 6.90 17.26
N LEU A 29 -6.22 7.54 18.32
CA LEU A 29 -5.77 7.30 19.68
C LEU A 29 -6.77 6.44 20.43
N GLU A 36 -10.53 8.12 19.84
CA GLU A 36 -10.88 9.33 19.11
C GLU A 36 -9.76 9.78 18.13
N THR A 37 -10.05 10.85 17.39
CA THR A 37 -9.17 11.28 16.32
C THR A 37 -8.58 12.64 16.62
N SER A 38 -7.38 12.83 16.15
CA SER A 38 -6.83 14.16 16.20
C SER A 38 -5.91 14.26 15.01
N TYR A 39 -5.64 15.49 14.66
CA TYR A 39 -4.74 15.74 13.61
C TYR A 39 -3.43 16.22 14.14
N GLY A 40 -2.46 15.98 13.29
CA GLY A 40 -1.14 16.47 13.52
C GLY A 40 -0.27 16.10 12.34
N THR A 41 1.01 15.94 12.62
CA THR A 41 1.93 15.71 11.53
C THR A 41 1.91 14.24 11.12
N PRO A 42 2.41 13.96 9.91
CA PRO A 42 2.59 12.56 9.53
C PRO A 42 3.50 11.80 10.52
N LEU A 43 4.52 12.47 11.05
CA LEU A 43 5.38 11.83 12.05
C LEU A 43 4.58 11.35 13.24
N GLU A 44 3.68 12.20 13.75
CA GLU A 44 2.91 11.83 14.93
C GLU A 44 1.95 10.66 14.64
N ALA A 45 1.42 10.62 13.44
CA ALA A 45 0.54 9.51 13.08
C ALA A 45 1.32 8.20 12.97
N ALA A 46 2.47 8.27 12.30
CA ALA A 46 3.31 7.08 12.10
C ALA A 46 3.88 6.63 13.46
N LEU A 47 4.21 7.59 14.33
CA LEU A 47 4.74 7.30 15.67
C LEU A 47 3.73 6.54 16.50
N ASN A 48 2.46 6.94 16.40
CA ASN A 48 1.37 6.21 17.10
C ASN A 48 1.37 4.73 16.70
N TRP A 49 1.45 4.45 15.40
CA TRP A 49 1.53 3.08 14.95
C TRP A 49 2.81 2.40 15.42
N GLN A 50 3.94 3.06 15.31
CA GLN A 50 5.17 2.46 15.80
C GLN A 50 5.08 2.11 17.28
N ASN A 51 4.53 3.02 18.08
CA ASN A 51 4.31 2.81 19.52
C ASN A 51 3.47 1.56 19.83
N ASP A 52 2.58 1.20 18.90
CA ASP A 52 1.74 0.02 19.00
C ASP A 52 2.43 -1.28 18.52
N GLY A 53 3.61 -1.18 17.90
CA GLY A 53 4.38 -2.33 17.49
C GLY A 53 4.49 -2.48 15.98
N ALA A 54 4.04 -1.49 15.22
CA ALA A 54 4.14 -1.57 13.76
C ALA A 54 5.59 -1.64 13.26
N GLU A 55 5.80 -2.47 12.22
CA GLU A 55 7.05 -2.55 11.47
C GLU A 55 7.07 -1.59 10.28
N TRP A 56 5.87 -1.38 9.68
CA TRP A 56 5.66 -0.59 8.47
C TRP A 56 4.53 0.38 8.72
N VAL A 57 4.53 1.44 7.93
CA VAL A 57 3.34 2.23 7.69
C VAL A 57 3.16 2.34 6.19
N HIS A 58 1.89 2.42 5.75
CA HIS A 58 1.58 2.68 4.37
C HIS A 58 1.14 4.13 4.30
N MET A 59 2.03 4.95 3.76
N MET A 59 2.02 4.98 3.79
CA MET A 59 1.87 6.41 3.74
CA MET A 59 1.79 6.42 3.81
C MET A 59 1.40 6.83 2.36
C MET A 59 1.45 6.92 2.43
N VAL A 60 0.24 7.49 2.31
CA VAL A 60 -0.31 8.00 1.05
C VAL A 60 -0.28 9.53 1.09
N ASP A 61 0.42 10.12 0.14
CA ASP A 61 0.46 11.57 0.00
C ASP A 61 -0.69 11.97 -0.95
N LEU A 62 -1.84 12.26 -0.37
CA LEU A 62 -3.02 12.58 -1.15
C LEU A 62 -2.93 13.94 -1.78
N ASP A 63 -2.17 14.83 -1.15
CA ASP A 63 -1.90 16.12 -1.75
C ASP A 63 -1.20 15.94 -3.09
N ALA A 64 -0.16 15.12 -3.10
CA ALA A 64 0.56 14.82 -4.35
C ALA A 64 -0.31 14.09 -5.37
N ALA A 65 -1.16 13.18 -4.88
CA ALA A 65 -2.03 12.39 -5.75
C ALA A 65 -3.07 13.24 -6.50
N PHE A 66 -3.64 14.23 -5.81
CA PHE A 66 -4.70 15.08 -6.38
C PHE A 66 -4.20 16.52 -6.23
N GLY A 69 1.01 19.38 -3.89
CA GLY A 69 1.67 18.83 -2.70
C GLY A 69 3.13 19.25 -2.56
N ASN A 70 3.53 19.79 -1.40
CA ASN A 70 4.93 19.71 -1.02
C ASN A 70 5.10 19.26 0.42
N ASN A 71 4.98 17.97 0.55
CA ASN A 71 5.12 17.29 1.82
C ASN A 71 6.46 16.57 1.97
N ALA A 72 7.46 16.87 1.10
CA ALA A 72 8.76 16.16 1.14
C ALA A 72 9.39 16.22 2.52
N ALA A 73 9.44 17.41 3.14
CA ALA A 73 10.04 17.52 4.48
C ALA A 73 9.29 16.71 5.53
N LEU A 74 7.95 16.68 5.44
CA LEU A 74 7.15 15.93 6.38
C LEU A 74 7.43 14.44 6.28
N ILE A 75 7.56 13.98 5.06
CA ILE A 75 7.89 12.57 4.78
C ILE A 75 9.29 12.21 5.20
N SER A 76 10.25 13.08 4.88
CA SER A 76 11.63 12.85 5.32
C SER A 76 11.75 12.78 6.86
N ASP A 77 10.93 13.55 7.55
CA ASP A 77 10.93 13.55 9.03
C ASP A 77 10.55 12.15 9.56
N VAL A 78 9.55 11.55 8.94
CA VAL A 78 9.13 10.21 9.30
C VAL A 78 10.27 9.21 9.08
N VAL A 79 10.85 9.27 7.90
CA VAL A 79 11.93 8.34 7.54
C VAL A 79 13.09 8.43 8.52
N SER A 80 13.52 9.66 8.82
N SER A 80 13.48 9.68 8.81
CA SER A 80 14.74 9.85 9.61
CA SER A 80 14.67 10.01 9.61
C SER A 80 14.56 9.74 11.12
C SER A 80 14.55 9.78 11.09
N GLN A 81 13.35 9.98 11.65
CA GLN A 81 13.14 9.93 13.10
C GLN A 81 12.48 8.68 13.65
N LEU A 82 11.96 7.84 12.74
CA LEU A 82 11.29 6.62 13.14
C LEU A 82 11.97 5.37 12.64
N ASN A 83 11.83 4.31 13.43
CA ASN A 83 12.27 2.98 13.07
C ASN A 83 11.33 2.27 12.11
N VAL A 84 10.04 2.63 12.13
CA VAL A 84 9.05 2.04 11.23
C VAL A 84 9.53 2.31 9.79
N LYS A 85 9.34 1.30 8.91
CA LYS A 85 9.58 1.45 7.50
C LYS A 85 8.39 2.10 6.81
N VAL A 86 8.66 3.00 5.86
CA VAL A 86 7.64 3.70 5.12
C VAL A 86 7.50 3.10 3.71
N GLU A 87 6.29 2.66 3.36
CA GLU A 87 5.84 2.40 2.01
C GLU A 87 5.05 3.64 1.56
N LEU A 88 5.61 4.37 0.60
CA LEU A 88 5.07 5.65 0.18
C LEU A 88 4.34 5.54 -1.14
N SER A 89 3.12 6.07 -1.22
N SER A 89 3.13 6.11 -1.21
CA SER A 89 2.40 6.13 -2.47
CA SER A 89 2.32 6.13 -2.42
C SER A 89 1.74 7.51 -2.62
C SER A 89 1.74 7.53 -2.62
N GLY A 90 1.28 7.80 -3.84
CA GLY A 90 0.57 9.02 -4.13
C GLY A 90 1.32 9.89 -5.11
N GLY A 91 0.76 10.02 -6.32
CA GLY A 91 1.32 10.89 -7.34
C GLY A 91 2.70 10.55 -7.90
N LEU A 92 3.11 9.29 -7.79
CA LEU A 92 4.42 8.85 -8.28
C LEU A 92 4.20 8.35 -9.71
N ARG A 93 4.23 9.32 -10.63
CA ARG A 93 3.68 9.15 -11.96
C ARG A 93 4.64 9.48 -13.06
N ASP A 94 5.84 9.98 -12.71
CA ASP A 94 6.79 10.40 -13.73
C ASP A 94 8.19 10.38 -13.15
N ASP A 95 9.19 10.61 -14.00
CA ASP A 95 10.57 10.48 -13.58
C ASP A 95 10.88 11.39 -12.37
N GLU A 96 10.47 12.66 -12.44
CA GLU A 96 10.79 13.63 -11.37
C GLU A 96 10.14 13.24 -10.05
N SER A 97 8.85 12.89 -10.09
CA SER A 97 8.12 12.57 -8.87
C SER A 97 8.69 11.29 -8.22
N LEU A 98 8.98 10.29 -9.02
CA LEU A 98 9.54 9.07 -8.52
C LEU A 98 10.93 9.30 -7.92
N GLU A 99 11.81 9.97 -8.66
CA GLU A 99 13.18 10.21 -8.16
C GLU A 99 13.15 11.01 -6.86
N ARG A 100 12.31 12.03 -6.79
CA ARG A 100 12.22 12.84 -5.59
C ARG A 100 11.75 12.03 -4.41
N ALA A 101 10.76 11.15 -4.63
CA ALA A 101 10.23 10.29 -3.57
C ALA A 101 11.33 9.37 -3.03
N LEU A 102 12.08 8.74 -3.91
CA LEU A 102 13.12 7.80 -3.50
C LEU A 102 14.25 8.55 -2.77
N GLU A 103 14.51 9.79 -3.16
CA GLU A 103 15.52 10.65 -2.50
C GLU A 103 15.18 10.94 -1.02
N LEU A 104 13.89 10.80 -0.66
CA LEU A 104 13.44 10.97 0.73
C LEU A 104 13.88 9.83 1.64
N GLY A 105 14.38 8.76 1.02
CA GLY A 105 14.92 7.61 1.75
C GLY A 105 13.92 6.53 2.15
N VAL A 106 12.68 6.64 1.70
CA VAL A 106 11.65 5.68 2.05
C VAL A 106 12.05 4.27 1.67
N ALA A 107 11.55 3.32 2.45
CA ALA A 107 11.87 1.92 2.21
C ALA A 107 11.35 1.38 0.87
N ARG A 108 10.18 1.83 0.46
CA ARG A 108 9.53 1.31 -0.72
C ARG A 108 8.54 2.37 -1.21
N VAL A 109 8.26 2.37 -2.50
CA VAL A 109 7.18 3.18 -3.08
C VAL A 109 6.18 2.28 -3.78
N ASN A 110 4.98 2.80 -3.97
CA ASN A 110 3.96 2.15 -4.77
C ASN A 110 3.64 3.08 -5.93
N LEU A 111 3.68 2.54 -7.13
CA LEU A 111 3.18 3.18 -8.33
C LEU A 111 1.71 2.82 -8.47
N GLY A 112 0.92 3.67 -9.11
CA GLY A 112 -0.50 3.38 -9.32
C GLY A 112 -0.91 3.53 -10.75
N THR A 113 -1.76 4.51 -11.06
CA THR A 113 -2.35 4.60 -12.39
C THR A 113 -1.34 4.71 -13.52
N ALA A 114 -0.29 5.48 -13.32
CA ALA A 114 0.50 5.84 -14.49
C ALA A 114 1.29 4.59 -14.86
N ALA A 115 1.49 3.75 -13.86
CA ALA A 115 2.29 2.59 -14.04
C ALA A 115 1.59 1.60 -14.92
N LEU A 116 0.26 1.62 -14.89
CA LEU A 116 -0.53 0.88 -15.85
C LEU A 116 -0.81 1.65 -17.20
N GLU A 117 -0.96 2.99 -17.18
CA GLU A 117 -1.10 3.85 -18.38
C GLU A 117 0.18 4.09 -19.16
N ASN A 118 1.32 3.90 -18.51
CA ASN A 118 2.67 4.06 -19.14
C ASN A 118 3.54 2.80 -18.86
N PRO A 119 3.24 1.68 -19.52
CA PRO A 119 3.91 0.43 -19.17
C PRO A 119 5.43 0.45 -19.36
N GLU A 120 5.88 1.13 -20.41
CA GLU A 120 7.33 1.21 -20.68
C GLU A 120 8.00 2.03 -19.55
N TRP A 121 7.36 3.12 -19.12
CA TRP A 121 7.90 3.91 -18.00
C TRP A 121 8.03 3.04 -16.73
N THR A 122 7.00 2.23 -16.49
CA THR A 122 6.97 1.37 -15.32
C THR A 122 8.11 0.37 -15.38
N ARG A 123 8.31 -0.22 -16.55
CA ARG A 123 9.41 -1.12 -16.79
C ARG A 123 10.75 -0.48 -16.57
N LYS A 124 10.89 0.79 -16.99
CA LYS A 124 12.13 1.54 -16.83
C LYS A 124 12.40 1.76 -15.33
N ALA A 125 11.34 2.12 -14.59
CA ALA A 125 11.42 2.30 -13.15
C ALA A 125 11.82 0.99 -12.41
N ILE A 126 11.15 -0.10 -12.74
CA ILE A 126 11.46 -1.39 -12.16
C ILE A 126 12.89 -1.79 -12.46
N ASP A 127 13.28 -1.64 -13.73
N ASP A 127 13.29 -1.63 -13.73
CA ASP A 127 14.63 -1.97 -14.12
CA ASP A 127 14.68 -1.95 -14.11
C ASP A 127 15.70 -1.22 -13.29
C ASP A 127 15.74 -1.20 -13.29
N ARG A 128 15.50 0.08 -13.07
CA ARG A 128 16.45 0.92 -12.36
C ARG A 128 16.43 0.72 -10.84
N PHE A 129 15.24 0.64 -10.25
CA PHE A 129 15.08 0.71 -8.79
C PHE A 129 14.71 -0.64 -8.12
N GLY A 130 14.35 -1.65 -8.93
CA GLY A 130 14.20 -3.01 -8.42
C GLY A 130 13.18 -3.15 -7.31
N ASP A 131 13.57 -3.76 -6.19
CA ASP A 131 12.67 -4.02 -5.10
C ASP A 131 12.18 -2.79 -4.32
N LYS A 132 12.70 -1.59 -4.63
CA LYS A 132 12.11 -0.37 -4.05
C LYS A 132 10.77 -0.05 -4.68
N ILE A 133 10.41 -0.72 -5.79
CA ILE A 133 9.16 -0.41 -6.53
C ILE A 133 8.17 -1.54 -6.30
N ALA A 134 6.96 -1.19 -5.86
CA ALA A 134 5.82 -2.07 -5.93
C ALA A 134 4.74 -1.36 -6.74
N VAL A 135 3.83 -2.14 -7.31
CA VAL A 135 2.75 -1.55 -8.10
C VAL A 135 1.43 -1.81 -7.43
N GLY A 136 0.66 -0.74 -7.25
CA GLY A 136 -0.70 -0.85 -6.74
C GLY A 136 -1.75 -0.97 -7.80
N LEU A 137 -2.68 -1.88 -7.54
CA LEU A 137 -3.81 -2.15 -8.40
C LEU A 137 -5.09 -2.01 -7.58
N ASP A 138 -5.97 -1.09 -7.98
CA ASP A 138 -7.29 -0.97 -7.39
C ASP A 138 -8.27 -1.85 -8.18
N VAL A 139 -9.05 -2.67 -7.47
CA VAL A 139 -9.93 -3.62 -8.07
C VAL A 139 -11.33 -3.62 -7.44
N ARG A 140 -12.33 -3.95 -8.27
CA ARG A 140 -13.66 -4.32 -7.83
C ARG A 140 -13.84 -5.74 -8.32
N GLY A 141 -13.85 -6.70 -7.42
CA GLY A 141 -13.76 -8.10 -7.85
C GLY A 141 -12.47 -8.28 -8.64
N THR A 142 -12.59 -8.62 -9.93
CA THR A 142 -11.42 -8.76 -10.80
C THR A 142 -11.38 -7.73 -11.93
N THR A 143 -12.13 -6.65 -11.75
CA THR A 143 -12.14 -5.55 -12.66
C THR A 143 -11.26 -4.43 -12.08
N LEU A 144 -10.35 -3.88 -12.89
CA LEU A 144 -9.61 -2.69 -12.52
C LEU A 144 -10.49 -1.47 -12.43
N ALA A 145 -10.33 -0.71 -11.36
CA ALA A 145 -11.14 0.49 -11.12
C ALA A 145 -10.75 1.66 -12.03
N GLY A 146 -11.71 2.55 -12.26
CA GLY A 146 -11.46 3.78 -13.01
C GLY A 146 -12.26 3.89 -14.28
N ARG A 147 -13.06 4.95 -14.38
CA ARG A 147 -13.80 5.23 -15.60
C ARG A 147 -13.82 6.73 -15.80
N GLY A 148 -13.29 7.16 -16.95
CA GLY A 148 -13.35 8.55 -17.36
C GLY A 148 -14.28 8.66 -18.55
N TRP A 149 -14.30 9.86 -19.14
CA TRP A 149 -15.07 10.14 -20.34
C TRP A 149 -14.67 9.25 -21.53
N THR A 150 -13.37 8.96 -21.66
CA THR A 150 -12.86 8.23 -22.83
C THR A 150 -11.95 7.05 -22.46
N LYS A 151 -11.58 6.94 -21.18
CA LYS A 151 -10.70 5.86 -20.69
C LYS A 151 -11.50 4.94 -19.75
N GLU A 152 -11.19 3.64 -19.79
CA GLU A 152 -11.80 2.65 -18.89
C GLU A 152 -10.70 1.84 -18.21
N GLY A 153 -11.01 1.27 -17.05
CA GLY A 153 -10.09 0.35 -16.37
C GLY A 153 -9.81 -0.83 -17.27
N GLY A 154 -8.53 -1.13 -17.50
CA GLY A 154 -8.12 -2.16 -18.46
C GLY A 154 -8.41 -3.56 -17.97
N ASP A 155 -7.81 -4.56 -18.62
CA ASP A 155 -8.02 -5.94 -18.19
C ASP A 155 -6.96 -6.30 -17.16
N LEU A 156 -7.44 -6.67 -15.97
CA LEU A 156 -6.57 -6.97 -14.82
C LEU A 156 -5.47 -7.94 -15.18
N TRP A 157 -5.83 -9.04 -15.83
CA TRP A 157 -4.81 -10.06 -16.16
C TRP A 157 -3.90 -9.60 -17.30
N GLU A 158 -4.41 -8.78 -18.21
CA GLU A 158 -3.52 -8.22 -19.25
C GLU A 158 -2.53 -7.24 -18.61
N VAL A 159 -2.96 -6.48 -17.63
CA VAL A 159 -2.08 -5.53 -16.95
C VAL A 159 -1.03 -6.29 -16.16
N LEU A 160 -1.50 -7.29 -15.40
CA LEU A 160 -0.59 -8.09 -14.61
C LEU A 160 0.44 -8.72 -15.52
N ALA A 161 0.05 -9.18 -16.68
CA ALA A 161 0.98 -9.82 -17.62
C ALA A 161 2.14 -8.91 -18.00
N ARG A 162 1.83 -7.63 -18.19
CA ARG A 162 2.86 -6.64 -18.57
C ARG A 162 3.81 -6.41 -17.39
N LEU A 163 3.24 -6.34 -16.19
CA LEU A 163 4.07 -6.07 -15.00
C LEU A 163 4.97 -7.28 -14.71
N GLU A 164 4.44 -8.47 -14.94
CA GLU A 164 5.23 -9.68 -14.72
C GLU A 164 6.38 -9.70 -15.72
N ASP A 165 6.12 -9.31 -16.98
CA ASP A 165 7.19 -9.32 -17.96
C ASP A 165 8.28 -8.32 -17.60
N ALA A 166 7.88 -7.24 -16.91
CA ALA A 166 8.80 -6.22 -16.48
C ALA A 166 9.59 -6.60 -15.24
N GLY A 167 9.17 -7.68 -14.58
CA GLY A 167 9.84 -8.12 -13.37
C GLY A 167 9.46 -7.37 -12.11
N CYS A 168 8.24 -6.86 -12.07
CA CYS A 168 7.73 -6.14 -10.89
C CYS A 168 7.92 -7.01 -9.66
N ALA A 169 8.52 -6.44 -8.62
CA ALA A 169 8.86 -7.20 -7.39
C ALA A 169 7.73 -7.50 -6.46
N ARG A 170 6.66 -6.74 -6.53
CA ARG A 170 5.66 -6.74 -5.47
C ARG A 170 4.42 -6.03 -5.94
N TYR A 171 3.25 -6.56 -5.55
CA TYR A 171 1.95 -6.00 -5.93
C TYR A 171 1.17 -5.64 -4.66
N VAL A 172 0.47 -4.52 -4.72
CA VAL A 172 -0.43 -4.08 -3.66
C VAL A 172 -1.82 -4.01 -4.25
N VAL A 173 -2.70 -4.90 -3.82
CA VAL A 173 -4.03 -5.03 -4.40
C VAL A 173 -5.07 -4.46 -3.44
N THR A 174 -5.77 -3.40 -3.86
CA THR A 174 -6.74 -2.73 -3.00
C THR A 174 -8.12 -3.01 -3.54
N ASP A 175 -8.95 -3.65 -2.74
CA ASP A 175 -10.35 -3.89 -3.09
C ASP A 175 -11.11 -2.60 -2.70
N VAL A 176 -11.68 -1.93 -3.70
CA VAL A 176 -12.38 -0.67 -3.48
C VAL A 176 -13.90 -0.82 -3.47
N THR A 177 -14.40 -2.06 -3.47
N THR A 177 -14.42 -2.05 -3.48
CA THR A 177 -15.84 -2.32 -3.45
CA THR A 177 -15.87 -2.24 -3.47
C THR A 177 -16.50 -1.78 -2.18
C THR A 177 -16.49 -1.74 -2.19
N LYS A 178 -17.65 -1.13 -2.35
CA LYS A 178 -18.55 -0.79 -1.24
C LYS A 178 -19.93 -1.16 -1.75
N ASP A 179 -20.35 -2.38 -1.49
CA ASP A 179 -21.70 -2.81 -1.84
C ASP A 179 -22.03 -4.17 -1.20
N GLY A 184 -15.63 -10.09 2.66
CA GLY A 184 -14.30 -10.38 3.22
C GLY A 184 -13.21 -10.30 2.17
N PRO A 185 -11.98 -10.70 2.51
CA PRO A 185 -10.95 -10.50 1.48
C PRO A 185 -11.16 -11.45 0.30
N ASN A 186 -10.81 -10.99 -0.90
CA ASN A 186 -10.99 -11.83 -2.09
C ASN A 186 -9.84 -12.83 -2.20
N VAL A 187 -10.00 -13.95 -1.51
CA VAL A 187 -8.97 -14.98 -1.40
C VAL A 187 -8.60 -15.55 -2.77
N GLU A 188 -9.58 -15.74 -3.63
CA GLU A 188 -9.35 -16.33 -4.95
C GLU A 188 -8.46 -15.43 -5.81
N LEU A 189 -8.73 -14.14 -5.82
CA LEU A 189 -7.89 -13.23 -6.58
C LEU A 189 -6.47 -13.17 -6.04
N LEU A 190 -6.32 -13.07 -4.73
CA LEU A 190 -5.01 -13.00 -4.13
C LEU A 190 -4.24 -14.29 -4.44
N ARG A 191 -4.93 -15.43 -4.37
CA ARG A 191 -4.32 -16.70 -4.75
C ARG A 191 -3.85 -16.71 -6.20
N GLN A 192 -4.69 -16.29 -7.12
CA GLN A 192 -4.31 -16.27 -8.51
C GLN A 192 -3.11 -15.38 -8.80
N MET A 193 -3.00 -14.26 -8.12
N MET A 193 -3.06 -14.26 -8.10
CA MET A 193 -1.91 -13.37 -8.43
CA MET A 193 -2.00 -13.25 -8.26
C MET A 193 -0.60 -13.92 -7.87
C MET A 193 -0.64 -13.79 -7.81
N VAL A 194 -0.64 -14.47 -6.66
CA VAL A 194 0.59 -15.04 -6.10
C VAL A 194 1.07 -16.18 -6.98
N GLU A 195 0.16 -16.99 -7.51
CA GLU A 195 0.54 -18.10 -8.43
C GLU A 195 1.01 -17.69 -9.85
N LYS A 196 0.38 -16.69 -10.44
CA LYS A 196 0.87 -16.17 -11.69
C LYS A 196 2.27 -15.55 -11.65
N THR A 197 2.62 -14.95 -10.52
CA THR A 197 3.79 -14.08 -10.47
C THR A 197 4.92 -14.63 -9.66
N GLY A 198 4.59 -15.44 -8.65
CA GLY A 198 5.54 -15.84 -7.62
C GLY A 198 6.10 -14.67 -6.82
N LYS A 199 5.37 -13.54 -6.80
CA LYS A 199 5.82 -12.36 -6.10
C LYS A 199 4.98 -12.14 -4.83
N PRO A 200 5.52 -11.41 -3.85
CA PRO A 200 4.73 -11.02 -2.70
C PRO A 200 3.57 -10.09 -3.10
N VAL A 201 2.43 -10.33 -2.50
CA VAL A 201 1.23 -9.52 -2.66
C VAL A 201 0.77 -9.00 -1.31
N VAL A 202 0.46 -7.70 -1.28
CA VAL A 202 -0.06 -7.02 -0.09
C VAL A 202 -1.54 -6.70 -0.37
N ALA A 203 -2.41 -7.09 0.53
CA ALA A 203 -3.85 -6.90 0.41
C ALA A 203 -4.29 -5.63 1.12
N SER A 204 -5.34 -5.00 0.60
CA SER A 204 -5.95 -3.84 1.25
C SER A 204 -7.44 -3.89 0.94
N GLY A 205 -8.25 -3.53 1.93
CA GLY A 205 -9.70 -3.61 1.78
C GLY A 205 -10.22 -4.98 2.13
N GLY A 206 -11.52 -5.06 2.34
CA GLY A 206 -12.21 -6.30 2.68
C GLY A 206 -11.98 -6.81 4.09
N ILE A 207 -11.46 -5.96 4.95
CA ILE A 207 -11.16 -6.33 6.32
C ILE A 207 -12.16 -5.63 7.23
N SER A 208 -12.99 -6.42 7.92
CA SER A 208 -14.01 -5.88 8.82
C SER A 208 -13.85 -6.37 10.27
N SER A 209 -12.98 -7.37 10.49
CA SER A 209 -12.78 -7.96 11.81
C SER A 209 -11.45 -8.67 11.86
N LEU A 210 -11.09 -9.07 13.07
CA LEU A 210 -9.83 -9.82 13.25
C LEU A 210 -9.87 -11.16 12.46
N GLU A 211 -11.05 -11.74 12.29
CA GLU A 211 -11.17 -13.01 11.54
C GLU A 211 -10.66 -12.82 10.11
N ASP A 212 -10.84 -11.64 9.52
CA ASP A 212 -10.39 -11.41 8.15
C ASP A 212 -8.84 -11.44 8.09
N LEU A 213 -8.19 -11.00 9.17
CA LEU A 213 -6.75 -11.09 9.29
C LEU A 213 -6.31 -12.54 9.39
N ARG A 214 -7.08 -13.35 10.10
CA ARG A 214 -6.78 -14.78 10.17
C ARG A 214 -6.84 -15.41 8.80
N VAL A 215 -7.87 -15.02 8.04
CA VAL A 215 -8.06 -15.54 6.71
C VAL A 215 -6.86 -15.17 5.84
N LEU A 216 -6.41 -13.92 5.95
CA LEU A 216 -5.26 -13.48 5.16
C LEU A 216 -3.97 -14.15 5.61
N ARG A 217 -3.79 -14.34 6.92
CA ARG A 217 -2.54 -14.97 7.40
C ARG A 217 -2.41 -16.41 6.93
N GLU A 218 -3.53 -17.10 6.72
CA GLU A 218 -3.48 -18.47 6.16
C GLU A 218 -2.87 -18.50 4.75
N LEU A 219 -2.87 -17.35 4.06
CA LEU A 219 -2.35 -17.24 2.69
C LEU A 219 -0.84 -16.85 2.65
N VAL A 220 -0.24 -16.59 3.79
CA VAL A 220 1.20 -16.21 3.84
C VAL A 220 2.10 -17.27 3.18
N PRO A 221 1.84 -18.56 3.46
CA PRO A 221 2.67 -19.54 2.73
C PRO A 221 2.48 -19.60 1.21
N LEU A 222 1.39 -19.05 0.73
CA LEU A 222 1.13 -18.99 -0.68
C LEU A 222 1.74 -17.72 -1.34
N GLY A 223 2.12 -16.76 -0.51
CA GLY A 223 2.77 -15.54 -1.02
C GLY A 223 2.11 -14.26 -0.66
N VAL A 224 0.98 -14.29 0.09
CA VAL A 224 0.43 -13.01 0.60
C VAL A 224 1.34 -12.56 1.72
N GLU A 225 1.95 -11.41 1.55
CA GLU A 225 2.97 -10.94 2.43
C GLU A 225 2.47 -10.12 3.60
N GLY A 226 1.45 -9.33 3.32
CA GLY A 226 0.98 -8.37 4.29
C GLY A 226 -0.38 -7.82 3.96
N ALA A 227 -0.88 -7.01 4.88
CA ALA A 227 -2.11 -6.28 4.73
C ALA A 227 -1.95 -4.85 5.16
N ILE A 228 -2.42 -3.93 4.32
CA ILE A 228 -2.63 -2.57 4.73
C ILE A 228 -3.90 -2.57 5.57
N VAL A 229 -3.87 -1.87 6.71
CA VAL A 229 -5.01 -1.77 7.61
C VAL A 229 -5.31 -0.30 7.86
N GLY A 230 -6.59 0.06 7.85
CA GLY A 230 -6.99 1.45 7.95
C GLY A 230 -8.47 1.55 8.22
N LYS A 231 -9.28 1.14 7.24
CA LYS A 231 -10.73 1.22 7.43
C LYS A 231 -11.20 0.58 8.73
N ALA A 232 -10.71 -0.62 9.06
CA ALA A 232 -11.18 -1.34 10.22
C ALA A 232 -10.71 -0.67 11.50
N LEU A 233 -9.54 -0.02 11.43
CA LEU A 233 -9.04 0.73 12.59
C LEU A 233 -9.93 1.91 12.91
N TYR A 234 -10.24 2.69 11.89
CA TYR A 234 -11.09 3.86 12.12
C TYR A 234 -12.52 3.47 12.46
N ALA A 235 -12.96 2.30 12.03
CA ALA A 235 -14.30 1.80 12.32
C ALA A 235 -14.40 1.23 13.71
N GLY A 236 -13.27 1.11 14.41
CA GLY A 236 -13.19 0.54 15.74
C GLY A 236 -13.38 -0.95 15.83
N ALA A 237 -13.19 -1.68 14.73
CA ALA A 237 -13.35 -3.11 14.75
C ALA A 237 -12.31 -3.79 15.61
N PHE A 238 -11.12 -3.22 15.62
CA PHE A 238 -10.01 -3.68 16.44
C PHE A 238 -8.99 -2.54 16.56
N THR A 239 -8.07 -2.68 17.48
CA THR A 239 -6.93 -1.79 17.62
C THR A 239 -5.72 -2.40 16.90
N LEU A 240 -4.69 -1.61 16.68
CA LEU A 240 -3.51 -2.14 16.01
C LEU A 240 -2.82 -3.24 16.83
N PRO A 241 -2.67 -3.06 18.17
CA PRO A 241 -2.11 -4.18 18.94
C PRO A 241 -2.90 -5.47 18.83
N GLU A 242 -4.22 -5.37 18.78
CA GLU A 242 -5.03 -6.53 18.65
C GLU A 242 -4.79 -7.20 17.29
N ALA A 243 -4.67 -6.38 16.27
CA ALA A 243 -4.40 -6.87 14.91
C ALA A 243 -3.04 -7.55 14.84
N LEU A 244 -2.02 -6.93 15.46
CA LEU A 244 -0.67 -7.51 15.43
C LEU A 244 -0.65 -8.85 16.15
N ASP A 245 -1.39 -9.00 17.25
CA ASP A 245 -1.42 -10.27 17.92
C ASP A 245 -1.97 -11.41 17.02
N VAL A 246 -2.89 -11.04 16.14
CA VAL A 246 -3.57 -11.99 15.22
C VAL A 246 -2.67 -12.24 14.00
N ALA A 247 -2.14 -11.17 13.42
CA ALA A 247 -1.32 -11.27 12.23
C ALA A 247 0.04 -11.88 12.49
N GLY A 248 0.55 -11.70 13.71
CA GLY A 248 1.83 -12.28 14.12
C GLY A 248 2.88 -11.24 14.52
N ARG A 249 3.59 -11.57 15.58
CA ARG A 249 4.68 -10.76 16.15
C ARG A 249 5.99 -11.44 15.82
N ARG A 250 6.92 -10.71 15.24
CA ARG A 250 8.27 -11.21 14.91
C ARG A 250 9.18 -10.85 16.05
CL CL B . -8.64 -2.38 7.31
CL CL C . 11.59 4.32 5.73
C1 GOL D . 4.95 -7.27 11.14
O1 GOL D . 3.65 -6.63 11.14
C2 GOL D . 5.72 -7.10 12.44
O2 GOL D . 7.10 -7.26 12.15
C3 GOL D . 5.30 -8.13 13.50
O3 GOL D . 5.91 -7.77 14.79
C TRS E . -1.25 7.20 -8.24
C1 TRS E . -0.47 6.31 -7.31
C2 TRS E . -0.38 7.89 -9.31
C3 TRS E . -1.98 8.18 -7.35
N TRS E . -2.36 6.39 -8.86
O1 TRS E . -1.19 5.74 -6.19
O2 TRS E . -0.62 7.54 -10.71
O3 TRS E . -1.27 9.37 -7.26
#